data_2ACJ
#
_entry.id   2ACJ
#
_cell.length_a   110.765
_cell.length_b   110.765
_cell.length_c   61.762
_cell.angle_alpha   90.00
_cell.angle_beta   90.00
_cell.angle_gamma   120.00
#
_symmetry.space_group_name_H-M   'P 61'
#
loop_
_entity.id
_entity.type
_entity.pdbx_description
1 polymer "5'-D(*GP*TP*CP*GP*CP*GP*CP*GP*CP*CP*AP*TP*AP*AP*AP*CP*C)-3'"
2 polymer "5'-D(*AP*CP*GP*GP*TP*TP*TP*AP*TP*GP*GP*CP*GP*CP*GP*CP*G)-3'"
3 polymer 'Double-stranded RNA-specific adenosine deaminase'
#
loop_
_entity_poly.entity_id
_entity_poly.type
_entity_poly.pdbx_seq_one_letter_code
_entity_poly.pdbx_strand_id
1 'polydeoxyribonucleotide' (DG)(DT)(DC)(DG)(DC)(DG)(DC)(DG)(DC)(DC)(DA)(DT)(DA)(DA)(DA)(DC)(DC) E
2 'polydeoxyribonucleotide' (DA)(DC)(DG)(DG)(DT)(DT)(DT)(DA)(DT)(DG)(DG)(DC)(DG)(DC)(DG)(DC)(DG) F
3 'polypeptide(L)' SHMEQRILKFLEELGEGKATTAHDLSGKLGTPKKEINRVLYSLAKKGKLQKEAGTPPLWKIAVSTQ A,B,C,D
#
# COMPACT_ATOMS: atom_id res chain seq x y z
N HIS C 2 -13.51 10.39 -14.46
CA HIS C 2 -15.00 10.38 -14.45
C HIS C 2 -15.55 9.07 -13.90
N MET C 3 -14.69 8.05 -13.83
CA MET C 3 -15.14 6.69 -13.50
C MET C 3 -15.97 6.61 -12.21
N GLU C 4 -15.40 7.00 -11.07
CA GLU C 4 -16.12 6.99 -9.80
C GLU C 4 -17.60 7.31 -10.00
N GLN C 5 -17.85 8.39 -10.73
CA GLN C 5 -19.21 8.85 -11.03
C GLN C 5 -20.11 7.78 -11.68
N ARG C 6 -19.68 7.28 -12.84
CA ARG C 6 -20.44 6.24 -13.56
C ARG C 6 -20.59 4.96 -12.75
N ILE C 7 -19.47 4.44 -12.24
CA ILE C 7 -19.45 3.27 -11.35
C ILE C 7 -20.63 3.29 -10.39
N LEU C 8 -21.01 4.48 -9.93
CA LEU C 8 -22.16 4.66 -9.06
C LEU C 8 -23.47 4.37 -9.81
N LYS C 9 -23.77 5.19 -10.83
CA LYS C 9 -25.04 5.11 -11.57
C LYS C 9 -25.45 3.71 -12.03
N PHE C 10 -24.48 2.87 -12.39
CA PHE C 10 -24.76 1.49 -12.81
C PHE C 10 -25.27 0.65 -11.64
N THR C 20 -23.09 -8.52 -8.57
CA THR C 20 -22.23 -8.04 -9.65
C THR C 20 -20.74 -8.22 -9.36
N THR C 21 -19.95 -8.40 -10.41
CA THR C 21 -18.51 -8.60 -10.28
C THR C 21 -17.71 -7.54 -11.03
N ALA C 22 -16.49 -7.29 -10.60
CA ALA C 22 -15.59 -6.40 -11.32
C ALA C 22 -15.31 -6.90 -12.73
N HIS C 23 -15.02 -8.19 -12.84
CA HIS C 23 -14.90 -8.88 -14.14
C HIS C 23 -16.14 -8.63 -15.01
N ASP C 24 -17.30 -8.67 -14.35
CA ASP C 24 -18.59 -8.38 -14.94
C ASP C 24 -18.81 -6.88 -15.17
N LEU C 25 -18.04 -6.04 -14.49
CA LEU C 25 -18.11 -4.58 -14.68
C LEU C 25 -17.27 -4.12 -15.87
N SER C 26 -16.34 -4.97 -16.31
CA SER C 26 -15.44 -4.68 -17.42
C SER C 26 -16.13 -4.60 -18.78
N GLY C 27 -17.27 -5.27 -18.93
CA GLY C 27 -18.04 -5.25 -20.16
C GLY C 27 -19.03 -4.11 -20.17
N LYS C 28 -19.81 -4.00 -19.08
CA LYS C 28 -20.87 -3.00 -18.99
C LYS C 28 -20.35 -1.60 -19.27
N LEU C 29 -19.14 -1.31 -18.78
CA LEU C 29 -18.51 0.00 -18.96
C LEU C 29 -17.27 -0.02 -19.88
N GLY C 30 -16.81 -1.22 -20.23
CA GLY C 30 -15.71 -1.36 -21.17
C GLY C 30 -14.38 -0.95 -20.58
N THR C 31 -14.21 -1.21 -19.28
CA THR C 31 -13.02 -0.78 -18.56
C THR C 31 -12.22 -2.00 -18.06
N PRO C 32 -10.89 -1.93 -18.13
CA PRO C 32 -10.05 -3.00 -17.57
C PRO C 32 -10.35 -3.30 -16.10
N LYS C 33 -10.35 -4.59 -15.75
CA LYS C 33 -10.74 -5.06 -14.42
C LYS C 33 -9.95 -4.36 -13.31
N LYS C 34 -8.64 -4.28 -13.48
CA LYS C 34 -7.79 -3.48 -12.59
C LYS C 34 -8.45 -2.14 -12.20
N GLU C 35 -8.79 -1.33 -13.19
CA GLU C 35 -9.43 -0.02 -12.98
C GLU C 35 -10.74 -0.08 -12.18
N ILE C 36 -11.52 -1.13 -12.40
CA ILE C 36 -12.79 -1.32 -11.68
C ILE C 36 -12.53 -1.74 -10.24
N ASN C 37 -11.66 -2.73 -10.04
CA ASN C 37 -11.29 -3.16 -8.71
C ASN C 37 -10.67 -2.04 -7.92
N ARG C 38 -10.18 -1.03 -8.61
CA ARG C 38 -9.59 0.13 -7.95
C ARG C 38 -10.69 0.96 -7.36
N VAL C 39 -11.65 1.33 -8.20
CA VAL C 39 -12.73 2.21 -7.77
C VAL C 39 -13.66 1.48 -6.84
N LEU C 40 -13.65 0.15 -6.88
CA LEU C 40 -14.47 -0.62 -5.97
C LEU C 40 -13.86 -0.51 -4.58
N TYR C 41 -12.70 -1.11 -4.36
CA TYR C 41 -12.07 -1.14 -3.04
C TYR C 41 -12.01 0.25 -2.40
N SER C 42 -11.76 1.25 -3.24
CA SER C 42 -11.81 2.66 -2.83
C SER C 42 -13.18 3.01 -2.31
N LEU C 43 -14.20 2.75 -3.12
CA LEU C 43 -15.59 3.11 -2.79
C LEU C 43 -16.14 2.43 -1.54
N ALA C 44 -15.77 1.17 -1.34
CA ALA C 44 -16.15 0.42 -0.15
C ALA C 44 -15.40 0.94 1.05
N LYS C 45 -14.24 1.55 0.82
CA LYS C 45 -13.50 2.28 1.86
C LYS C 45 -14.19 3.61 2.17
N LYS C 46 -14.98 4.10 1.22
CA LYS C 46 -15.85 5.26 1.43
C LYS C 46 -17.21 4.88 2.04
N GLY C 47 -17.35 3.60 2.44
CA GLY C 47 -18.55 3.10 3.11
C GLY C 47 -19.77 2.87 2.21
N LYS C 48 -19.67 3.26 0.95
CA LYS C 48 -20.82 3.29 0.04
C LYS C 48 -21.09 1.93 -0.59
N LEU C 49 -20.02 1.19 -0.86
CA LEU C 49 -20.12 -0.14 -1.45
C LEU C 49 -19.84 -1.17 -0.35
N GLN C 50 -19.93 -2.45 -0.69
CA GLN C 50 -19.69 -3.51 0.27
C GLN C 50 -19.34 -4.86 -0.36
N LYS C 51 -18.15 -5.37 -0.03
CA LYS C 51 -17.63 -6.60 -0.62
C LYS C 51 -18.14 -7.94 -0.02
N GLU C 52 -18.77 -8.74 -0.89
CA GLU C 52 -19.17 -10.11 -0.60
C GLU C 52 -18.03 -11.07 -0.94
N ALA C 53 -17.94 -12.16 -0.17
CA ALA C 53 -16.87 -13.16 -0.36
C ALA C 53 -17.25 -14.23 -1.37
N GLY C 54 -17.17 -13.89 -2.65
CA GLY C 54 -17.30 -14.87 -3.72
C GLY C 54 -15.97 -15.09 -4.42
N THR C 55 -15.98 -15.91 -5.47
CA THR C 55 -14.76 -16.25 -6.20
C THR C 55 -14.99 -16.18 -7.71
N PRO C 56 -14.67 -15.04 -8.33
CA PRO C 56 -14.11 -13.86 -7.66
C PRO C 56 -15.12 -13.11 -6.76
N PRO C 57 -14.62 -12.26 -5.87
CA PRO C 57 -15.46 -11.42 -4.99
C PRO C 57 -16.60 -10.72 -5.70
N LEU C 58 -17.74 -10.65 -5.00
CA LEU C 58 -18.97 -10.04 -5.49
C LEU C 58 -19.17 -8.71 -4.77
N TRP C 59 -20.04 -7.86 -5.30
CA TRP C 59 -20.16 -6.46 -4.84
C TRP C 59 -21.59 -5.96 -4.92
N LYS C 60 -21.91 -4.96 -4.11
CA LYS C 60 -23.24 -4.34 -4.08
C LYS C 60 -23.29 -3.05 -3.25
N ILE C 61 -24.02 -2.06 -3.75
CA ILE C 61 -24.20 -0.79 -3.03
C ILE C 61 -24.83 -1.03 -1.66
N ALA C 62 -24.08 -0.67 -0.61
CA ALA C 62 -24.62 -0.62 0.75
C ALA C 62 -25.56 0.57 0.89
N VAL C 63 -26.82 0.29 1.20
CA VAL C 63 -27.83 1.34 1.38
C VAL C 63 -27.63 2.00 2.76
N HIS D 2 27.14 0.18 -7.00
CA HIS D 2 27.37 -1.00 -7.88
C HIS D 2 26.06 -1.41 -8.56
N MET D 3 25.07 -1.72 -7.73
CA MET D 3 23.72 -2.00 -8.23
C MET D 3 23.11 -0.76 -8.92
N GLU D 4 23.57 0.42 -8.54
CA GLU D 4 23.10 1.67 -9.12
C GLU D 4 23.50 1.80 -10.58
N GLN D 5 24.81 1.80 -10.83
CA GLN D 5 25.32 1.92 -12.21
C GLN D 5 24.79 0.82 -13.14
N ARG D 6 24.36 -0.31 -12.57
CA ARG D 6 23.71 -1.36 -13.36
C ARG D 6 22.40 -0.84 -13.91
N ILE D 7 21.56 -0.34 -13.01
CA ILE D 7 20.26 0.21 -13.38
C ILE D 7 20.39 1.34 -14.39
N LEU D 8 21.31 2.28 -14.11
CA LEU D 8 21.59 3.37 -15.02
C LEU D 8 22.01 2.83 -16.38
N LYS D 9 23.08 2.03 -16.39
CA LYS D 9 23.55 1.35 -17.59
C LYS D 9 22.39 0.70 -18.32
N PHE D 10 21.45 0.12 -17.58
CA PHE D 10 20.29 -0.51 -18.18
C PHE D 10 19.32 0.51 -18.76
N LEU D 11 19.22 1.68 -18.13
CA LEU D 11 18.35 2.75 -18.61
C LEU D 11 19.02 3.58 -19.72
N GLU D 12 20.27 3.25 -20.06
CA GLU D 12 20.92 3.84 -21.23
C GLU D 12 20.46 3.10 -22.48
N GLU D 13 20.58 1.77 -22.47
CA GLU D 13 20.26 0.93 -23.63
C GLU D 13 18.76 0.72 -23.83
N LEU D 14 17.99 1.80 -23.77
CA LEU D 14 16.54 1.74 -23.94
C LEU D 14 15.98 2.83 -24.86
N GLY D 15 16.84 3.70 -25.38
CA GLY D 15 16.43 4.77 -26.27
C GLY D 15 15.80 5.90 -25.50
N GLU D 16 16.32 7.11 -25.65
CA GLU D 16 15.86 8.26 -24.87
C GLU D 16 14.36 8.54 -25.07
N GLY D 17 13.62 8.57 -23.95
CA GLY D 17 12.19 8.81 -23.95
C GLY D 17 11.36 7.68 -23.32
N LYS D 18 11.74 6.44 -23.61
CA LYS D 18 10.99 5.25 -23.17
C LYS D 18 11.38 4.93 -21.73
N ALA D 19 10.42 4.49 -20.92
CA ALA D 19 10.69 4.20 -19.51
C ALA D 19 10.37 2.75 -19.16
N THR D 20 10.64 2.39 -17.90
CA THR D 20 10.47 1.01 -17.42
C THR D 20 10.01 1.00 -15.94
N THR D 21 9.65 -0.17 -15.43
CA THR D 21 9.14 -0.32 -14.06
C THR D 21 10.12 -1.09 -13.21
N ALA D 22 9.91 -1.05 -11.91
CA ALA D 22 10.80 -1.72 -10.97
C ALA D 22 10.60 -3.25 -10.98
N HIS D 23 9.43 -3.71 -11.41
CA HIS D 23 9.16 -5.15 -11.62
C HIS D 23 10.01 -5.65 -12.78
N ASP D 24 9.83 -4.97 -13.92
CA ASP D 24 10.58 -5.22 -15.12
C ASP D 24 12.08 -5.27 -14.83
N LEU D 25 12.60 -4.22 -14.22
CA LEU D 25 13.99 -4.21 -13.82
C LEU D 25 14.31 -5.42 -12.98
N SER D 26 13.46 -5.69 -11.98
CA SER D 26 13.66 -6.80 -11.03
C SER D 26 13.91 -8.13 -11.75
N GLY D 27 13.15 -8.38 -12.81
CA GLY D 27 13.39 -9.54 -13.63
C GLY D 27 14.70 -9.42 -14.37
N LYS D 28 14.76 -8.54 -15.37
CA LYS D 28 15.95 -8.35 -16.20
C LYS D 28 17.25 -8.44 -15.39
N LEU D 29 17.39 -7.57 -14.40
CA LEU D 29 18.60 -7.53 -13.58
C LEU D 29 18.76 -8.66 -12.53
N GLY D 30 17.77 -9.55 -12.41
CA GLY D 30 17.84 -10.68 -11.49
C GLY D 30 18.05 -10.29 -10.03
N THR D 31 17.24 -9.32 -9.57
CA THR D 31 17.41 -8.72 -8.27
C THR D 31 16.05 -8.46 -7.66
N PRO D 32 15.91 -8.68 -6.36
CA PRO D 32 14.62 -8.47 -5.70
C PRO D 32 14.11 -7.02 -5.84
N LYS D 33 12.82 -6.88 -6.09
CA LYS D 33 12.21 -5.55 -6.26
C LYS D 33 12.46 -4.57 -5.09
N LYS D 34 12.50 -5.09 -3.86
CA LYS D 34 12.76 -4.27 -2.66
C LYS D 34 14.07 -3.53 -2.82
N GLU D 35 15.12 -4.20 -3.29
CA GLU D 35 16.40 -3.53 -3.51
C GLU D 35 16.36 -2.60 -4.70
N ILE D 36 15.76 -3.03 -5.80
CA ILE D 36 15.67 -2.19 -6.99
C ILE D 36 15.10 -0.84 -6.61
N ASN D 37 13.89 -0.86 -6.07
CA ASN D 37 13.16 0.37 -5.75
C ASN D 37 13.93 1.22 -4.75
N ARG D 38 14.55 0.57 -3.78
CA ARG D 38 15.33 1.25 -2.76
C ARG D 38 16.35 2.14 -3.45
N VAL D 39 17.05 1.58 -4.40
CA VAL D 39 18.03 2.30 -5.21
C VAL D 39 17.39 3.29 -6.18
N LEU D 40 16.25 2.96 -6.75
CA LEU D 40 15.63 3.83 -7.72
C LEU D 40 15.24 5.14 -7.04
N TYR D 41 14.63 5.02 -5.88
CA TYR D 41 14.15 6.19 -5.16
C TYR D 41 15.31 7.03 -4.68
N SER D 42 16.48 6.40 -4.52
CA SER D 42 17.71 7.08 -4.11
C SER D 42 18.37 7.83 -5.26
N LEU D 43 18.21 7.36 -6.49
CA LEU D 43 18.79 8.04 -7.66
C LEU D 43 17.98 9.26 -8.06
N ALA D 44 16.65 9.14 -8.05
CA ALA D 44 15.74 10.28 -8.29
C ALA D 44 15.98 11.46 -7.35
N LYS D 45 16.31 11.13 -6.11
CA LYS D 45 16.55 12.09 -5.05
C LYS D 45 17.98 12.63 -5.16
N LYS D 46 18.85 11.85 -5.79
CA LYS D 46 20.23 12.29 -6.06
C LYS D 46 20.29 13.07 -7.37
N GLY D 47 19.17 13.10 -8.11
CA GLY D 47 19.09 13.81 -9.37
C GLY D 47 19.32 12.93 -10.58
N LYS D 48 20.21 11.95 -10.48
CA LYS D 48 20.50 11.04 -11.59
C LYS D 48 19.25 10.56 -12.36
N LEU D 49 18.17 10.25 -11.65
CA LEU D 49 16.96 9.71 -12.29
C LEU D 49 15.72 10.55 -12.01
N GLN D 50 14.65 10.23 -12.75
CA GLN D 50 13.37 10.91 -12.65
C GLN D 50 12.28 9.84 -12.50
N LYS D 51 11.33 10.08 -11.61
CA LYS D 51 10.22 9.16 -11.40
C LYS D 51 8.93 9.77 -11.91
N GLU D 52 8.25 9.02 -12.77
CA GLU D 52 6.97 9.42 -13.32
C GLU D 52 5.88 8.67 -12.59
N ALA D 53 5.52 9.16 -11.41
CA ALA D 53 4.56 8.49 -10.55
C ALA D 53 3.36 7.92 -11.31
N GLY D 54 2.96 6.71 -10.92
CA GLY D 54 1.89 6.01 -11.59
C GLY D 54 1.53 4.70 -10.90
N THR D 55 0.95 3.78 -11.66
CA THR D 55 0.42 2.54 -11.11
C THR D 55 0.70 1.38 -12.06
N PRO D 56 1.91 0.82 -12.04
CA PRO D 56 3.05 1.28 -11.23
C PRO D 56 3.79 2.49 -11.81
N PRO D 57 4.68 3.09 -11.02
CA PRO D 57 5.49 4.23 -11.44
C PRO D 57 6.53 3.83 -12.46
N LEU D 58 6.80 4.75 -13.40
CA LEU D 58 7.74 4.51 -14.50
C LEU D 58 8.99 5.34 -14.29
N TRP D 59 10.12 4.78 -14.68
CA TRP D 59 11.43 5.30 -14.33
C TRP D 59 12.28 5.47 -15.57
N LYS D 60 12.92 6.64 -15.64
CA LYS D 60 13.79 6.96 -16.75
C LYS D 60 14.85 7.95 -16.32
N ILE D 61 15.87 8.10 -17.15
CA ILE D 61 16.99 8.99 -16.88
C ILE D 61 16.43 10.41 -16.62
N ALA D 62 17.09 11.13 -15.73
CA ALA D 62 16.62 12.46 -15.34
C ALA D 62 16.81 13.46 -16.50
N VAL D 63 15.74 14.17 -16.81
CA VAL D 63 15.68 15.14 -17.91
C VAL D 63 15.79 16.57 -17.41
N SER D 64 16.81 17.28 -17.88
CA SER D 64 17.03 18.67 -17.53
C SER D 64 15.80 19.54 -17.84
N THR D 65 15.50 20.47 -16.94
CA THR D 65 14.38 21.40 -17.12
C THR D 65 14.89 22.84 -16.99
N GLN D 66 16.16 23.07 -17.30
CA GLN D 66 16.68 24.42 -17.21
C GLN D 66 16.36 25.18 -18.49
N SER E 1 9.88 -27.67 0.13
CA SER E 1 9.62 -26.38 0.82
C SER E 1 9.70 -26.60 2.34
N HIS E 2 10.86 -26.27 2.90
CA HIS E 2 11.08 -26.37 4.34
C HIS E 2 10.91 -25.04 5.05
N MET E 3 10.35 -24.08 4.33
CA MET E 3 10.03 -22.77 4.87
C MET E 3 8.87 -22.89 5.84
N GLU E 4 7.84 -23.65 5.45
CA GLU E 4 6.66 -23.85 6.29
C GLU E 4 7.07 -24.48 7.61
N GLN E 5 7.97 -25.42 7.49
CA GLN E 5 8.41 -26.20 8.62
C GLN E 5 9.18 -25.28 9.56
N ARG E 6 10.03 -24.43 8.97
CA ARG E 6 10.87 -23.53 9.76
C ARG E 6 10.08 -22.45 10.53
N ILE E 7 8.98 -22.02 9.93
CA ILE E 7 8.18 -20.98 10.51
C ILE E 7 7.32 -21.54 11.60
N LEU E 8 6.69 -22.67 11.30
CA LEU E 8 5.83 -23.34 12.24
C LEU E 8 6.66 -23.63 13.47
N LYS E 9 7.89 -24.06 13.23
CA LYS E 9 8.87 -24.39 14.27
C LYS E 9 9.21 -23.17 15.10
N PHE E 10 9.40 -22.04 14.43
CA PHE E 10 9.73 -20.82 15.13
C PHE E 10 8.54 -20.38 15.97
N LEU E 11 7.34 -20.38 15.38
CA LEU E 11 6.13 -19.99 16.10
C LEU E 11 5.80 -20.94 17.25
N GLU E 12 6.32 -22.16 17.19
CA GLU E 12 6.14 -23.12 18.28
C GLU E 12 7.14 -22.81 19.38
N GLU E 13 8.40 -22.60 18.98
CA GLU E 13 9.51 -22.35 19.92
C GLU E 13 9.41 -21.01 20.63
N LEU E 14 8.46 -20.17 20.20
CA LEU E 14 8.21 -18.87 20.81
C LEU E 14 7.38 -18.99 22.10
N GLY E 15 6.43 -19.91 22.08
CA GLY E 15 5.62 -20.21 23.25
C GLY E 15 4.14 -20.41 22.99
N GLU E 16 3.45 -20.86 24.03
CA GLU E 16 1.98 -20.99 24.06
C GLU E 16 1.23 -19.70 23.70
N GLY E 17 0.14 -19.84 22.96
CA GLY E 17 -0.72 -18.73 22.56
C GLY E 17 -0.06 -17.43 22.13
N LYS E 18 1.20 -17.50 21.72
CA LYS E 18 2.02 -16.32 21.43
C LYS E 18 2.06 -16.03 19.93
N ALA E 19 2.13 -14.76 19.56
CA ALA E 19 2.15 -14.38 18.15
C ALA E 19 3.34 -13.49 17.77
N THR E 20 3.59 -13.36 16.48
CA THR E 20 4.61 -12.42 16.00
C THR E 20 4.39 -12.01 14.54
N THR E 21 5.06 -10.93 14.15
CA THR E 21 4.86 -10.34 12.83
C THR E 21 5.77 -10.95 11.78
N ALA E 22 5.40 -10.79 10.51
CA ALA E 22 6.20 -11.29 9.39
C ALA E 22 7.52 -10.56 9.26
N HIS E 23 7.52 -9.27 9.57
CA HIS E 23 8.76 -8.51 9.56
C HIS E 23 9.73 -9.17 10.53
N ASP E 24 9.22 -9.56 11.71
CA ASP E 24 10.03 -10.28 12.67
C ASP E 24 10.52 -11.68 12.16
N LEU E 25 9.63 -12.48 11.59
CA LEU E 25 10.06 -13.77 11.03
C LEU E 25 11.20 -13.54 10.01
N SER E 26 11.01 -12.60 9.09
CA SER E 26 12.03 -12.30 8.10
C SER E 26 13.36 -11.95 8.76
N GLY E 27 13.31 -11.13 9.81
CA GLY E 27 14.49 -10.77 10.54
C GLY E 27 15.28 -11.98 11.02
N LYS E 28 14.65 -12.80 11.85
CA LYS E 28 15.35 -13.90 12.53
C LYS E 28 15.66 -15.04 11.57
N LEU E 29 14.66 -15.54 10.86
CA LEU E 29 14.88 -16.56 9.85
C LEU E 29 15.84 -16.11 8.75
N GLY E 30 16.09 -14.82 8.62
CA GLY E 30 16.98 -14.35 7.58
C GLY E 30 16.40 -14.70 6.22
N THR E 31 15.11 -14.42 6.05
CA THR E 31 14.39 -14.76 4.86
C THR E 31 13.54 -13.61 4.39
N PRO E 32 13.69 -13.21 3.13
CA PRO E 32 12.94 -12.10 2.56
C PRO E 32 11.49 -12.13 3.00
N LYS E 33 11.00 -10.99 3.47
CA LYS E 33 9.63 -10.91 3.92
C LYS E 33 8.65 -11.31 2.84
N LYS E 34 9.03 -11.16 1.57
CA LYS E 34 8.16 -11.51 0.42
C LYS E 34 7.66 -12.97 0.48
N GLU E 35 8.64 -13.86 0.62
CA GLU E 35 8.40 -15.28 0.71
C GLU E 35 7.69 -15.60 2.02
N ILE E 36 8.14 -14.99 3.11
CA ILE E 36 7.55 -15.25 4.44
C ILE E 36 6.04 -15.07 4.43
N ASN E 37 5.58 -13.97 3.83
CA ASN E 37 4.16 -13.68 3.84
C ASN E 37 3.45 -14.62 2.90
N ARG E 38 4.03 -14.85 1.72
CA ARG E 38 3.43 -15.78 0.76
C ARG E 38 3.09 -17.09 1.47
N VAL E 39 3.98 -17.48 2.39
CA VAL E 39 3.93 -18.74 3.09
C VAL E 39 3.02 -18.64 4.29
N LEU E 40 3.16 -17.57 5.05
CA LEU E 40 2.32 -17.34 6.22
C LEU E 40 0.88 -17.43 5.80
N TYR E 41 0.52 -16.65 4.78
CA TYR E 41 -0.86 -16.56 4.31
C TYR E 41 -1.28 -17.93 3.86
N SER E 42 -0.37 -18.65 3.19
CA SER E 42 -0.62 -20.03 2.77
C SER E 42 -1.03 -20.93 3.95
N LEU E 43 -0.24 -20.90 5.02
CA LEU E 43 -0.49 -21.76 6.18
C LEU E 43 -1.81 -21.42 6.85
N ALA E 44 -2.23 -20.17 6.71
CA ALA E 44 -3.47 -19.73 7.31
C ALA E 44 -4.67 -20.31 6.55
N LYS E 45 -4.54 -20.44 5.24
CA LYS E 45 -5.56 -21.04 4.38
C LYS E 45 -5.67 -22.55 4.65
N LYS E 46 -4.53 -23.21 4.69
CA LYS E 46 -4.42 -24.61 5.09
C LYS E 46 -4.94 -24.86 6.52
N GLY E 47 -5.05 -23.79 7.31
CA GLY E 47 -5.62 -23.86 8.66
C GLY E 47 -4.60 -23.98 9.78
N LYS E 48 -3.33 -24.15 9.43
CA LYS E 48 -2.27 -24.39 10.41
C LYS E 48 -1.94 -23.17 11.28
N LEU E 49 -2.04 -21.97 10.72
CA LEU E 49 -1.83 -20.72 11.45
C LEU E 49 -3.10 -19.92 11.49
N GLN E 50 -3.24 -19.06 12.49
CA GLN E 50 -4.30 -18.04 12.48
C GLN E 50 -3.71 -16.63 12.48
N LYS E 51 -4.37 -15.76 11.73
CA LYS E 51 -3.93 -14.39 11.53
C LYS E 51 -4.76 -13.50 12.43
N GLU E 52 -4.10 -12.94 13.44
CA GLU E 52 -4.70 -11.93 14.30
C GLU E 52 -4.73 -10.61 13.54
N ALA E 53 -5.82 -9.89 13.69
CA ALA E 53 -6.03 -8.62 13.01
C ALA E 53 -5.11 -7.55 13.58
N GLY E 54 -4.51 -6.76 12.70
CA GLY E 54 -3.56 -5.74 13.10
C GLY E 54 -2.73 -5.08 11.99
N THR E 55 -1.99 -4.05 12.39
CA THR E 55 -1.04 -3.37 11.52
C THR E 55 0.34 -3.35 12.17
N PRO E 56 1.18 -4.30 11.81
CA PRO E 56 0.87 -5.38 10.83
C PRO E 56 0.07 -6.50 11.46
N PRO E 57 -0.34 -7.46 10.65
CA PRO E 57 -0.98 -8.68 11.16
C PRO E 57 -0.05 -9.49 12.04
N LEU E 58 -0.60 -10.08 13.10
CA LEU E 58 0.15 -10.95 13.99
C LEU E 58 -0.24 -12.40 13.72
N TRP E 59 0.73 -13.30 13.83
CA TRP E 59 0.54 -14.68 13.45
C TRP E 59 0.84 -15.57 14.62
N LYS E 60 0.18 -16.71 14.64
CA LYS E 60 0.41 -17.71 15.66
C LYS E 60 -0.14 -19.04 15.19
N ILE E 61 0.35 -20.11 15.80
CA ILE E 61 -0.12 -21.46 15.47
C ILE E 61 -1.58 -21.60 15.93
N ALA E 62 -2.43 -21.93 14.96
CA ALA E 62 -3.87 -22.08 15.14
C ALA E 62 -4.23 -22.92 16.36
N VAL E 63 -5.45 -22.72 16.89
CA VAL E 63 -5.91 -23.44 18.09
C VAL E 63 -7.40 -23.84 18.12
N SER E 64 -8.16 -23.49 17.07
CA SER E 64 -9.62 -23.64 17.10
C SER E 64 -10.18 -24.62 16.04
N THR E 65 -10.09 -24.24 14.75
CA THR E 65 -10.72 -25.01 13.64
C THR E 65 -10.18 -26.45 13.49
N GLN E 66 -10.91 -27.28 12.73
CA GLN E 66 -10.56 -28.69 12.50
C GLN E 66 -9.76 -28.90 11.20
N SER F 1 -13.43 8.09 12.45
CA SER F 1 -14.38 9.25 12.37
C SER F 1 -14.49 10.04 13.68
N HIS F 2 -13.90 9.55 14.76
CA HIS F 2 -13.77 10.34 15.99
C HIS F 2 -12.53 11.17 15.87
N MET F 3 -11.43 10.46 15.63
CA MET F 3 -10.14 11.06 15.42
C MET F 3 -10.19 11.76 14.07
N GLU F 4 -10.95 11.22 13.12
CA GLU F 4 -11.13 11.93 11.86
C GLU F 4 -11.76 13.28 12.18
N GLN F 5 -12.59 13.28 13.19
CA GLN F 5 -13.30 14.48 13.61
C GLN F 5 -12.43 15.43 14.41
N ARG F 6 -11.62 14.90 15.31
CA ARG F 6 -10.61 15.71 15.98
C ARG F 6 -9.78 16.47 14.95
N ILE F 7 -9.38 15.78 13.90
CA ILE F 7 -8.49 16.36 12.91
C ILE F 7 -9.20 17.38 12.05
N LEU F 8 -10.34 16.98 11.49
CA LEU F 8 -11.17 17.85 10.67
C LEU F 8 -11.57 19.11 11.42
N LYS F 9 -11.94 18.95 12.68
CA LYS F 9 -12.35 20.07 13.52
C LYS F 9 -11.19 21.02 13.54
N PHE F 10 -10.06 20.56 14.04
CA PHE F 10 -8.87 21.37 14.14
C PHE F 10 -8.49 22.13 12.88
N LEU F 11 -8.59 21.49 11.72
CA LEU F 11 -8.26 22.16 10.48
C LEU F 11 -9.21 23.33 10.24
N GLU F 12 -10.49 23.01 10.14
CA GLU F 12 -11.55 24.02 10.08
C GLU F 12 -11.34 25.17 11.06
N GLU F 13 -10.93 24.86 12.30
CA GLU F 13 -10.66 25.89 13.31
C GLU F 13 -9.53 26.73 12.77
N LEU F 14 -8.32 26.17 12.82
CA LEU F 14 -7.12 26.80 12.30
C LEU F 14 -7.36 27.33 10.90
N GLY F 15 -7.81 28.59 10.83
CA GLY F 15 -8.10 29.23 9.57
C GLY F 15 -9.24 28.63 8.77
N GLU F 16 -9.42 29.19 7.58
CA GLU F 16 -10.40 28.73 6.59
C GLU F 16 -9.77 28.56 5.20
N GLY F 17 -8.52 28.95 5.07
CA GLY F 17 -7.68 28.56 3.95
C GLY F 17 -6.37 27.94 4.42
N LYS F 18 -6.18 27.84 5.74
CA LYS F 18 -4.94 27.33 6.34
C LYS F 18 -4.73 25.83 6.10
N ALA F 19 -3.47 25.43 6.15
CA ALA F 19 -3.07 24.04 6.09
C ALA F 19 -2.33 23.70 7.38
N THR F 20 -1.91 22.46 7.52
CA THR F 20 -1.02 22.08 8.62
C THR F 20 -0.35 20.73 8.37
N THR F 21 0.44 20.23 9.31
CA THR F 21 1.18 18.97 9.13
C THR F 21 0.78 17.91 10.15
N ALA F 22 1.07 16.65 9.82
CA ALA F 22 0.90 15.57 10.76
C ALA F 22 1.64 15.85 12.06
N HIS F 23 2.88 16.30 11.97
CA HIS F 23 3.65 16.65 13.16
C HIS F 23 3.01 17.75 14.02
N ASP F 24 2.44 18.76 13.37
CA ASP F 24 1.68 19.80 14.08
C ASP F 24 0.45 19.20 14.78
N LEU F 25 -0.40 18.51 14.03
CA LEU F 25 -1.56 17.80 14.55
C LEU F 25 -1.18 16.93 15.76
N SER F 26 -0.09 16.20 15.62
CA SER F 26 0.31 15.23 16.63
C SER F 26 0.60 15.89 17.94
N GLY F 27 1.24 17.06 17.89
CA GLY F 27 1.52 17.81 19.10
C GLY F 27 0.24 18.35 19.75
N LYS F 28 -0.57 19.05 18.96
CA LYS F 28 -1.80 19.67 19.42
C LYS F 28 -2.89 18.67 19.80
N LEU F 29 -2.57 17.38 19.87
CA LEU F 29 -3.55 16.33 20.19
C LEU F 29 -2.99 15.11 20.95
N GLY F 30 -1.71 15.14 21.33
CA GLY F 30 -1.11 14.05 22.09
C GLY F 30 -1.35 12.71 21.45
N THR F 31 -1.05 12.63 20.17
CA THR F 31 -1.27 11.43 19.40
C THR F 31 -0.04 11.21 18.55
N PRO F 32 0.45 9.97 18.51
CA PRO F 32 1.59 9.65 17.65
C PRO F 32 1.33 10.01 16.20
N LYS F 33 2.33 10.56 15.56
CA LYS F 33 2.24 10.93 14.16
C LYS F 33 1.66 9.81 13.33
N LYS F 34 2.17 8.59 13.52
CA LYS F 34 1.63 7.39 12.84
C LYS F 34 0.10 7.38 12.79
N GLU F 35 -0.52 7.65 13.92
CA GLU F 35 -1.98 7.70 13.96
C GLU F 35 -2.54 8.85 13.13
N ILE F 36 -2.08 10.05 13.40
CA ILE F 36 -2.49 11.22 12.64
C ILE F 36 -2.41 10.92 11.16
N ASN F 37 -1.26 10.43 10.71
CA ASN F 37 -1.04 10.10 9.31
C ASN F 37 -1.99 8.99 8.81
N ARG F 38 -2.22 7.97 9.65
CA ARG F 38 -3.12 6.90 9.25
C ARG F 38 -4.43 7.53 8.79
N VAL F 39 -4.90 8.46 9.59
CA VAL F 39 -6.18 9.10 9.31
C VAL F 39 -6.10 10.16 8.21
N LEU F 40 -5.05 10.96 8.21
CA LEU F 40 -4.91 12.00 7.19
C LEU F 40 -5.00 11.37 5.81
N TYR F 41 -4.20 10.34 5.56
CA TYR F 41 -4.22 9.67 4.28
C TYR F 41 -5.55 8.99 3.97
N SER F 42 -6.18 8.38 4.96
CA SER F 42 -7.49 7.78 4.74
C SER F 42 -8.42 8.89 4.22
N LEU F 43 -8.58 9.96 5.02
CA LEU F 43 -9.40 11.10 4.64
C LEU F 43 -9.18 11.62 3.26
N ALA F 44 -7.98 11.48 2.73
CA ALA F 44 -7.63 12.02 1.41
C ALA F 44 -8.27 11.24 0.26
N LYS F 45 -8.18 9.91 0.34
CA LYS F 45 -8.83 9.03 -0.63
C LYS F 45 -10.34 9.18 -0.54
N LYS F 46 -10.85 9.38 0.68
CA LYS F 46 -12.27 9.69 0.93
C LYS F 46 -12.70 11.06 0.40
N GLY F 47 -11.77 11.77 -0.25
CA GLY F 47 -12.04 13.10 -0.78
C GLY F 47 -12.22 14.22 0.23
N LYS F 48 -12.30 13.89 1.53
CA LYS F 48 -12.52 14.87 2.60
C LYS F 48 -11.38 15.88 2.75
N LEU F 49 -10.16 15.38 2.85
CA LEU F 49 -9.02 16.26 3.00
C LEU F 49 -8.24 16.39 1.72
N GLN F 50 -7.47 17.48 1.67
CA GLN F 50 -6.64 17.82 0.54
C GLN F 50 -5.19 17.90 1.02
N LYS F 51 -4.31 17.28 0.24
CA LYS F 51 -2.93 17.11 0.64
C LYS F 51 -2.04 17.72 -0.41
N GLU F 52 -1.04 18.44 0.06
CA GLU F 52 -0.08 19.10 -0.79
C GLU F 52 1.23 18.38 -0.57
N ALA F 53 1.67 17.62 -1.57
CA ALA F 53 2.92 16.87 -1.47
C ALA F 53 4.01 17.77 -0.93
N GLY F 54 4.86 17.27 -0.04
CA GLY F 54 5.95 18.06 0.54
C GLY F 54 6.66 17.40 1.71
N THR F 55 7.68 18.08 2.23
CA THR F 55 8.44 17.62 3.41
C THR F 55 8.27 18.55 4.62
N PRO F 56 7.31 18.27 5.50
CA PRO F 56 6.34 17.21 5.36
C PRO F 56 5.14 17.66 4.57
N PRO F 57 4.24 16.74 4.23
CA PRO F 57 3.03 17.09 3.51
C PRO F 57 2.15 18.06 4.28
N LEU F 58 1.36 18.85 3.53
CA LEU F 58 0.45 19.84 4.11
C LEU F 58 -1.02 19.50 3.89
N TRP F 59 -1.78 19.56 4.99
CA TRP F 59 -3.13 19.07 5.02
C TRP F 59 -4.13 20.18 5.29
N LYS F 60 -5.17 20.24 4.47
CA LYS F 60 -6.25 21.21 4.61
C LYS F 60 -7.59 20.60 4.19
N ILE F 61 -8.67 21.16 4.70
CA ILE F 61 -10.03 20.72 4.34
C ILE F 61 -10.25 20.92 2.85
N ALA F 62 -10.98 19.99 2.23
CA ALA F 62 -11.32 20.07 0.81
C ALA F 62 -12.83 20.31 0.65
N VAL F 63 -13.30 20.31 -0.61
CA VAL F 63 -14.74 20.37 -0.89
C VAL F 63 -15.20 19.11 -1.63
#